data_9BHK
#
_entry.id   9BHK
#
_cell.length_a   80.385
_cell.length_b   80.385
_cell.length_c   135.383
_cell.angle_alpha   90.000
_cell.angle_beta   90.000
_cell.angle_gamma   90.000
#
_symmetry.space_group_name_H-M   'P 43 21 2'
#
loop_
_entity.id
_entity.type
_entity.pdbx_description
1 polymer 'Tyrosine-protein kinase Mer'
2 non-polymer 6-{1-[6-(3-hydroxy-3-methylbutoxy)-1,3-benzoxazol-2-yl]azetidin-3-yl}-3-[(1-methyl-1H-pyrazol-4-yl)amino]pyrazine-2-carboxamide
3 non-polymer 'CHLORIDE ION'
4 water water
#
_entity_poly.entity_id   1
_entity_poly.type   'polypeptide(L)'
_entity_poly.pdbx_seq_one_letter_code
;MSYYHHHHHHDYDIPTTENLYFQGAMDPEDVVIDRNLLILGKILGEGEFGSVMEGNLKQEDGTSLKVAVKTMKLDNSSQR
EIEEFLSEAACMKDFSHPNVIRLLGVCIEMSSQGIPKPMVILPFMKYGDLHTYLLYSRLETGPKHIPLQTLLKFMVDIAL
GMEYLSNRNFLHRDLAARNCMLRDDMTVCVADFGLSKKIYSGDYYRQGRIAKMPVKWIAIESLADRVYTSKSDVWAFGVT
MWEIATRGMTPYPGVQNHEMYDYLLHGHRLKQPEDCLDELYEIMYSCWRTDPLDRPTFSVLRLQLEKLLESLPDVRNQAD
VIY
;
_entity_poly.pdbx_strand_id   A
#
loop_
_chem_comp.id
_chem_comp.type
_chem_comp.name
_chem_comp.formula
A1APH non-polymer 6-{1-[6-(3-hydroxy-3-methylbutoxy)-1,3-benzoxazol-2-yl]azetidin-3-yl}-3-[(1-methyl-1H-pyrazol-4-yl)amino]pyrazine-2-carboxamide 'C24 H28 N8 O4'
CL non-polymer 'CHLORIDE ION' 'Cl -1'
#
# COMPACT_ATOMS: atom_id res chain seq x y z
N ALA A 25 -24.72 17.05 -3.43
CA ALA A 25 -23.36 17.08 -3.98
C ALA A 25 -23.35 16.61 -5.43
N MET A 26 -22.54 17.24 -6.28
CA MET A 26 -22.45 16.86 -7.69
C MET A 26 -21.52 15.65 -7.85
N ASP A 27 -21.99 14.63 -8.58
CA ASP A 27 -21.18 13.45 -8.86
C ASP A 27 -21.15 13.22 -10.37
N PRO A 28 -20.32 13.99 -11.13
CA PRO A 28 -20.30 13.84 -12.58
C PRO A 28 -19.82 12.49 -13.11
N GLU A 29 -18.99 11.77 -12.33
CA GLU A 29 -18.48 10.48 -12.78
C GLU A 29 -19.33 9.28 -12.32
N ASP A 30 -20.39 9.52 -11.52
CA ASP A 30 -21.35 8.53 -11.01
C ASP A 30 -20.69 7.40 -10.20
N VAL A 31 -19.84 7.79 -9.26
CA VAL A 31 -19.10 6.88 -8.37
C VAL A 31 -19.86 6.63 -7.04
N VAL A 32 -20.87 7.46 -6.73
CA VAL A 32 -21.66 7.30 -5.53
C VAL A 32 -22.62 6.12 -5.62
N ILE A 33 -22.65 5.30 -4.57
CA ILE A 33 -23.54 4.18 -4.41
C ILE A 33 -24.55 4.60 -3.32
N ASP A 34 -25.85 4.34 -3.56
CA ASP A 34 -26.91 4.67 -2.60
C ASP A 34 -26.63 4.08 -1.21
N ARG A 35 -26.64 4.92 -0.16
CA ARG A 35 -26.36 4.52 1.22
C ARG A 35 -27.32 3.42 1.72
N ASN A 36 -28.57 3.42 1.23
CA ASN A 36 -29.58 2.41 1.56
C ASN A 36 -29.20 1.01 1.09
N LEU A 37 -28.34 0.91 0.06
CA LEU A 37 -27.90 -0.39 -0.45
C LEU A 37 -26.77 -1.04 0.35
N LEU A 38 -26.29 -0.37 1.40
CA LEU A 38 -25.17 -0.87 2.17
C LEU A 38 -25.56 -1.18 3.60
N ILE A 39 -25.20 -2.39 4.06
CA ILE A 39 -25.46 -2.82 5.42
C ILE A 39 -24.12 -3.04 6.13
N LEU A 40 -23.81 -2.22 7.13
CA LEU A 40 -22.53 -2.32 7.84
C LEU A 40 -22.48 -3.46 8.84
N GLY A 41 -21.39 -4.22 8.78
CA GLY A 41 -21.14 -5.36 9.64
C GLY A 41 -20.09 -5.11 10.70
N LYS A 42 -19.23 -6.10 10.96
CA LYS A 42 -18.22 -5.99 12.02
C LYS A 42 -17.00 -5.13 11.64
N ILE A 43 -16.26 -4.65 12.63
CA ILE A 43 -15.03 -3.88 12.39
C ILE A 43 -13.90 -4.85 12.02
N LEU A 44 -13.31 -4.68 10.84
CA LEU A 44 -12.20 -5.50 10.37
C LEU A 44 -10.85 -4.93 10.89
N GLY A 45 -10.72 -3.61 10.94
CA GLY A 45 -9.50 -2.98 11.41
C GLY A 45 -9.66 -1.53 11.83
N GLU A 46 -8.68 -1.01 12.57
CA GLU A 46 -8.72 0.37 13.05
C GLU A 46 -7.35 1.03 12.97
N SER A 51 -10.96 3.70 10.04
CA SER A 51 -11.39 2.34 10.34
C SER A 51 -11.90 1.58 9.09
N VAL A 52 -11.82 0.25 9.11
CA VAL A 52 -12.27 -0.62 8.03
C VAL A 52 -13.35 -1.54 8.59
N MET A 53 -14.47 -1.67 7.89
CA MET A 53 -15.56 -2.53 8.34
C MET A 53 -16.02 -3.49 7.25
N GLU A 54 -16.61 -4.61 7.66
CA GLU A 54 -17.18 -5.55 6.73
C GLU A 54 -18.56 -4.98 6.34
N GLY A 55 -19.06 -5.36 5.19
CA GLY A 55 -20.37 -4.90 4.74
C GLY A 55 -21.00 -5.76 3.68
N ASN A 56 -22.30 -5.56 3.46
CA ASN A 56 -23.05 -6.26 2.45
C ASN A 56 -23.70 -5.26 1.50
N LEU A 57 -23.43 -5.42 0.22
CA LEU A 57 -23.94 -4.52 -0.79
C LEU A 57 -24.93 -5.23 -1.70
N LYS A 58 -26.21 -4.82 -1.65
CA LYS A 58 -27.24 -5.42 -2.50
C LYS A 58 -27.03 -5.02 -3.95
N GLN A 59 -26.91 -6.02 -4.85
CA GLN A 59 -26.73 -5.79 -6.28
C GLN A 59 -28.07 -5.47 -6.99
N GLU A 60 -28.05 -5.20 -8.33
CA GLU A 60 -29.25 -4.93 -9.14
C GLU A 60 -30.30 -6.04 -8.95
N ASP A 61 -29.81 -7.29 -8.85
CA ASP A 61 -30.61 -8.49 -8.59
C ASP A 61 -30.85 -8.63 -7.05
N GLY A 62 -31.57 -9.66 -6.62
CA GLY A 62 -31.83 -9.88 -5.19
C GLY A 62 -30.60 -10.22 -4.37
N THR A 63 -29.48 -10.57 -5.05
CA THR A 63 -28.19 -10.96 -4.48
C THR A 63 -27.49 -9.88 -3.63
N SER A 64 -26.76 -10.35 -2.60
CA SER A 64 -25.96 -9.53 -1.69
C SER A 64 -24.47 -9.82 -1.98
N LEU A 65 -23.60 -8.81 -1.83
CA LEU A 65 -22.17 -8.98 -2.10
C LEU A 65 -21.36 -8.58 -0.88
N LYS A 66 -20.36 -9.41 -0.51
CA LYS A 66 -19.50 -9.08 0.62
C LYS A 66 -18.50 -8.03 0.18
N VAL A 67 -18.43 -6.92 0.93
CA VAL A 67 -17.51 -5.81 0.63
C VAL A 67 -16.80 -5.34 1.91
N ALA A 68 -15.76 -4.50 1.75
CA ALA A 68 -15.07 -3.84 2.84
C ALA A 68 -15.36 -2.34 2.73
N VAL A 69 -15.45 -1.64 3.85
CA VAL A 69 -15.77 -0.22 3.88
C VAL A 69 -14.74 0.54 4.66
N LYS A 70 -14.06 1.48 4.00
CA LYS A 70 -13.06 2.30 4.67
C LYS A 70 -13.62 3.71 4.94
N THR A 71 -13.51 4.17 6.20
CA THR A 71 -13.95 5.50 6.60
C THR A 71 -12.74 6.24 7.17
N MET A 72 -12.50 7.48 6.72
CA MET A 72 -11.34 8.24 7.19
C MET A 72 -11.74 9.45 8.00
N SER A 77 -12.58 20.75 11.35
CA SER A 77 -11.14 20.94 11.38
C SER A 77 -10.56 21.19 9.97
N SER A 78 -11.20 22.11 9.20
CA SER A 78 -10.80 22.52 7.84
C SER A 78 -10.73 21.36 6.82
N GLN A 79 -11.74 21.24 5.93
CA GLN A 79 -11.78 20.17 4.92
C GLN A 79 -11.99 20.71 3.50
N ARG A 80 -11.54 19.97 2.48
CA ARG A 80 -11.73 20.37 1.09
C ARG A 80 -13.14 20.00 0.57
N GLU A 81 -13.51 20.47 -0.63
CA GLU A 81 -14.80 20.16 -1.21
C GLU A 81 -14.96 18.66 -1.47
N ILE A 82 -16.05 18.04 -0.93
CA ILE A 82 -16.37 16.60 -1.06
C ILE A 82 -16.41 16.13 -2.52
N GLU A 83 -16.74 17.05 -3.44
CA GLU A 83 -16.74 16.78 -4.87
C GLU A 83 -15.36 16.30 -5.35
N GLU A 84 -14.27 16.78 -4.73
CA GLU A 84 -12.93 16.39 -5.12
C GLU A 84 -12.56 15.01 -4.58
N PHE A 85 -13.08 14.62 -3.41
CA PHE A 85 -12.89 13.27 -2.88
C PHE A 85 -13.55 12.28 -3.88
N LEU A 86 -14.78 12.60 -4.31
CA LEU A 86 -15.51 11.81 -5.29
C LEU A 86 -14.81 11.73 -6.63
N SER A 87 -14.20 12.83 -7.10
CA SER A 87 -13.46 12.80 -8.36
C SER A 87 -12.23 11.91 -8.24
N GLU A 88 -11.53 11.98 -7.10
CA GLU A 88 -10.34 11.16 -6.89
C GLU A 88 -10.72 9.67 -6.81
N ALA A 89 -11.80 9.36 -6.11
CA ALA A 89 -12.32 7.99 -6.03
C ALA A 89 -12.75 7.48 -7.43
N ALA A 90 -13.41 8.32 -8.26
CA ALA A 90 -13.82 7.94 -9.60
C ALA A 90 -12.62 7.57 -10.46
N CYS A 91 -11.53 8.33 -10.33
CA CYS A 91 -10.31 8.05 -11.08
C CYS A 91 -9.73 6.67 -10.67
N MET A 92 -9.72 6.37 -9.35
CA MET A 92 -9.21 5.08 -8.84
C MET A 92 -10.10 3.92 -9.19
N LYS A 93 -11.42 4.16 -9.33
CA LYS A 93 -12.35 3.12 -9.77
C LYS A 93 -12.00 2.63 -11.20
N ASP A 94 -11.28 3.42 -11.99
CA ASP A 94 -10.85 3.05 -13.33
C ASP A 94 -9.48 2.34 -13.37
N PHE A 95 -8.87 2.06 -12.20
CA PHE A 95 -7.59 1.36 -12.17
C PHE A 95 -7.87 -0.10 -12.60
N SER A 96 -7.13 -0.62 -13.58
CA SER A 96 -7.33 -1.97 -14.05
C SER A 96 -6.00 -2.71 -14.14
N HIS A 97 -5.61 -3.32 -13.03
CA HIS A 97 -4.37 -4.09 -12.93
C HIS A 97 -4.60 -5.13 -11.85
N PRO A 98 -4.17 -6.39 -12.07
CA PRO A 98 -4.39 -7.42 -11.02
C PRO A 98 -3.70 -7.13 -9.68
N ASN A 99 -2.65 -6.30 -9.65
CA ASN A 99 -1.91 -6.00 -8.43
C ASN A 99 -2.22 -4.63 -7.82
N VAL A 100 -3.40 -4.08 -8.12
CA VAL A 100 -3.85 -2.79 -7.62
C VAL A 100 -5.28 -2.98 -7.20
N ILE A 101 -5.65 -2.65 -5.94
CA ILE A 101 -7.04 -2.83 -5.51
C ILE A 101 -7.97 -1.92 -6.31
N ARG A 102 -9.17 -2.41 -6.66
CA ARG A 102 -10.12 -1.63 -7.45
C ARG A 102 -11.33 -1.25 -6.65
N LEU A 103 -11.42 0.03 -6.32
CA LEU A 103 -12.52 0.71 -5.64
C LEU A 103 -13.85 0.38 -6.34
N LEU A 104 -14.91 0.15 -5.57
CA LEU A 104 -16.23 -0.14 -6.14
C LEU A 104 -17.07 1.14 -6.24
N GLY A 105 -16.97 1.99 -5.24
CA GLY A 105 -17.69 3.24 -5.18
C GLY A 105 -17.57 3.91 -3.83
N VAL A 106 -18.38 4.93 -3.61
CA VAL A 106 -18.38 5.69 -2.37
C VAL A 106 -19.82 5.80 -1.87
N CYS A 107 -20.03 5.64 -0.57
CA CYS A 107 -21.34 5.84 0.02
C CYS A 107 -21.21 7.05 0.93
N ILE A 108 -22.19 7.93 0.88
CA ILE A 108 -22.17 9.13 1.71
C ILE A 108 -23.23 9.02 2.80
N GLU A 109 -22.81 9.24 4.05
CA GLU A 109 -23.76 9.22 5.17
C GLU A 109 -23.51 10.37 6.14
N MET A 110 -24.58 10.95 6.70
CA MET A 110 -24.46 12.09 7.63
C MET A 110 -24.27 11.64 9.06
N ILE A 115 -23.37 17.18 7.99
CA ILE A 115 -21.98 16.92 7.64
C ILE A 115 -21.84 15.54 6.92
N PRO A 116 -21.66 15.58 5.59
CA PRO A 116 -21.53 14.33 4.84
C PRO A 116 -20.19 13.66 5.09
N LYS A 117 -20.20 12.34 5.30
CA LYS A 117 -18.99 11.58 5.55
C LYS A 117 -18.85 10.50 4.48
N PRO A 118 -17.82 10.59 3.64
CA PRO A 118 -17.65 9.57 2.58
C PRO A 118 -17.08 8.26 3.12
N MET A 119 -17.47 7.14 2.49
CA MET A 119 -17.03 5.79 2.87
C MET A 119 -16.65 5.08 1.58
N VAL A 120 -15.42 4.55 1.48
CA VAL A 120 -14.95 3.88 0.28
C VAL A 120 -15.36 2.42 0.31
N ILE A 121 -16.01 1.94 -0.76
CA ILE A 121 -16.49 0.57 -0.91
C ILE A 121 -15.47 -0.24 -1.68
N LEU A 122 -14.99 -1.33 -1.11
CA LEU A 122 -13.94 -2.13 -1.74
C LEU A 122 -14.34 -3.60 -1.85
N PRO A 123 -13.70 -4.37 -2.75
CA PRO A 123 -13.95 -5.82 -2.75
C PRO A 123 -13.47 -6.42 -1.43
N PHE A 124 -14.22 -7.38 -0.88
CA PHE A 124 -13.84 -8.03 0.37
C PHE A 124 -12.69 -9.00 0.14
N MET A 125 -11.62 -8.88 0.92
CA MET A 125 -10.48 -9.77 0.83
C MET A 125 -10.24 -10.49 2.17
N LYS A 126 -10.86 -11.68 2.31
CA LYS A 126 -10.86 -12.50 3.52
C LYS A 126 -9.49 -12.84 4.09
N TYR A 127 -8.43 -12.95 3.27
CA TYR A 127 -7.09 -13.22 3.81
C TYR A 127 -6.44 -12.00 4.53
N GLY A 128 -6.97 -10.80 4.32
CA GLY A 128 -6.49 -9.59 4.97
C GLY A 128 -5.15 -9.08 4.48
N ASP A 129 -4.51 -8.22 5.29
CA ASP A 129 -3.26 -7.58 4.91
C ASP A 129 -2.03 -8.54 4.96
N LEU A 130 -1.03 -8.24 4.10
CA LEU A 130 0.17 -9.03 3.96
C LEU A 130 1.03 -9.07 5.20
N HIS A 131 1.10 -7.94 5.94
CA HIS A 131 1.92 -7.89 7.14
C HIS A 131 1.45 -8.89 8.21
N THR A 132 0.15 -8.91 8.50
CA THR A 132 -0.40 -9.83 9.48
C THR A 132 -0.25 -11.25 8.99
N TYR A 133 -0.45 -11.48 7.69
CA TYR A 133 -0.30 -12.80 7.07
C TYR A 133 1.11 -13.35 7.31
N LEU A 134 2.15 -12.52 7.09
CA LEU A 134 3.55 -12.93 7.31
C LEU A 134 3.77 -13.35 8.77
N LEU A 135 3.26 -12.54 9.75
CA LEU A 135 3.38 -12.90 11.16
C LEU A 135 2.64 -14.22 11.45
N TYR A 136 1.40 -14.37 10.95
CA TYR A 136 0.62 -15.61 11.17
C TYR A 136 1.34 -16.85 10.65
N SER A 137 2.09 -16.72 9.55
CA SER A 137 2.85 -17.82 8.96
C SER A 137 3.97 -18.33 9.89
N ARG A 138 4.41 -17.51 10.86
CA ARG A 138 5.43 -17.95 11.81
CA ARG A 138 5.43 -17.93 11.83
C ARG A 138 4.82 -18.70 13.02
N LEU A 139 3.53 -19.06 12.94
CA LEU A 139 2.79 -19.81 13.95
C LEU A 139 2.41 -21.16 13.33
N GLU A 140 2.33 -22.22 14.14
CA GLU A 140 1.95 -23.55 13.65
C GLU A 140 0.59 -23.54 12.96
N THR A 141 -0.37 -22.80 13.54
CA THR A 141 -1.75 -22.70 13.04
C THR A 141 -1.94 -21.77 11.83
N GLY A 142 -0.97 -20.88 11.58
CA GLY A 142 -1.11 -19.94 10.48
C GLY A 142 -0.80 -20.60 9.16
N PRO A 143 -0.66 -19.79 8.10
CA PRO A 143 -0.24 -20.35 6.81
C PRO A 143 1.07 -21.14 6.97
N LYS A 144 1.28 -22.16 6.13
CA LYS A 144 2.52 -22.95 6.20
C LYS A 144 3.74 -22.06 5.99
N HIS A 145 4.92 -22.50 6.46
CA HIS A 145 6.19 -21.75 6.26
C HIS A 145 6.30 -21.27 4.80
N ILE A 146 6.33 -19.95 4.59
CA ILE A 146 6.33 -19.42 3.24
C ILE A 146 7.66 -19.70 2.53
N PRO A 147 7.62 -20.44 1.42
CA PRO A 147 8.84 -20.66 0.63
C PRO A 147 9.41 -19.34 0.13
N LEU A 148 10.74 -19.30 -0.03
CA LEU A 148 11.50 -18.15 -0.53
C LEU A 148 10.95 -17.67 -1.88
N GLN A 149 10.52 -18.60 -2.76
CA GLN A 149 10.00 -18.22 -4.07
C GLN A 149 8.59 -17.59 -3.99
N THR A 150 7.82 -17.95 -2.96
CA THR A 150 6.51 -17.33 -2.73
C THR A 150 6.71 -15.89 -2.18
N LEU A 151 7.75 -15.69 -1.33
CA LEU A 151 8.09 -14.39 -0.78
C LEU A 151 8.50 -13.44 -1.90
N LEU A 152 9.32 -13.94 -2.85
CA LEU A 152 9.80 -13.20 -4.01
C LEU A 152 8.64 -12.83 -4.95
N LYS A 153 7.71 -13.74 -5.16
CA LYS A 153 6.52 -13.53 -5.97
C LYS A 153 5.62 -12.43 -5.37
N PHE A 154 5.57 -12.33 -4.01
CA PHE A 154 4.80 -11.26 -3.34
C PHE A 154 5.44 -9.90 -3.74
N MET A 155 6.78 -9.82 -3.73
CA MET A 155 7.52 -8.62 -4.11
C MET A 155 7.31 -8.25 -5.58
N VAL A 156 7.24 -9.26 -6.48
CA VAL A 156 7.01 -9.05 -7.91
C VAL A 156 5.62 -8.45 -8.07
N ASP A 157 4.63 -9.02 -7.36
CA ASP A 157 3.25 -8.53 -7.36
C ASP A 157 3.20 -7.03 -6.98
N ILE A 158 3.88 -6.65 -5.88
CA ILE A 158 3.89 -5.27 -5.43
C ILE A 158 4.61 -4.36 -6.43
N ALA A 159 5.75 -4.78 -6.98
CA ALA A 159 6.46 -3.97 -7.98
C ALA A 159 5.66 -3.77 -9.26
N LEU A 160 4.81 -4.75 -9.62
CA LEU A 160 3.96 -4.65 -10.80
C LEU A 160 2.83 -3.64 -10.54
N GLY A 161 2.23 -3.67 -9.35
CA GLY A 161 1.18 -2.74 -8.99
C GLY A 161 1.74 -1.32 -8.88
N MET A 162 2.96 -1.18 -8.32
CA MET A 162 3.60 0.11 -8.16
C MET A 162 4.05 0.67 -9.50
N GLU A 163 4.48 -0.20 -10.43
CA GLU A 163 4.88 0.21 -11.77
C GLU A 163 3.65 0.81 -12.49
N TYR A 164 2.49 0.16 -12.34
CA TYR A 164 1.23 0.63 -12.90
C TYR A 164 0.84 2.00 -12.31
N LEU A 165 0.91 2.18 -10.98
CA LEU A 165 0.57 3.47 -10.35
C LEU A 165 1.55 4.57 -10.76
N SER A 166 2.85 4.25 -10.77
CA SER A 166 3.95 5.16 -11.09
C SER A 166 3.85 5.69 -12.51
N ASN A 167 3.49 4.80 -13.46
CA ASN A 167 3.33 5.14 -14.86
C ASN A 167 2.14 6.10 -15.06
N ARG A 168 1.11 6.04 -14.17
CA ARG A 168 -0.06 6.91 -14.18
CA ARG A 168 0.02 7.00 -14.30
C ARG A 168 0.17 8.17 -13.32
N ASN A 169 1.43 8.50 -12.96
CA ASN A 169 1.80 9.64 -12.11
C ASN A 169 1.22 9.64 -10.69
N PHE A 170 0.92 8.46 -10.12
CA PHE A 170 0.42 8.41 -8.77
C PHE A 170 1.54 8.13 -7.78
N LEU A 171 1.56 8.89 -6.69
CA LEU A 171 2.48 8.65 -5.59
C LEU A 171 1.61 7.98 -4.53
N HIS A 172 2.02 6.81 -4.04
CA HIS A 172 1.27 6.09 -3.00
C HIS A 172 1.43 6.84 -1.67
N ARG A 173 2.70 7.12 -1.28
CA ARG A 173 3.07 7.83 -0.06
C ARG A 173 2.83 7.04 1.25
N ASP A 174 2.35 5.81 1.16
CA ASP A 174 2.18 4.97 2.36
C ASP A 174 2.43 3.50 2.02
N LEU A 175 3.42 3.23 1.18
CA LEU A 175 3.68 1.85 0.78
C LEU A 175 4.38 1.10 1.93
N ALA A 176 3.77 -0.01 2.36
CA ALA A 176 4.21 -0.88 3.44
C ALA A 176 3.43 -2.20 3.34
N ALA A 177 3.95 -3.30 3.89
CA ALA A 177 3.27 -4.60 3.83
C ALA A 177 1.87 -4.56 4.43
N ARG A 178 1.63 -3.69 5.45
CA ARG A 178 0.31 -3.57 6.09
C ARG A 178 -0.76 -2.98 5.12
N ASN A 179 -0.31 -2.30 4.05
CA ASN A 179 -1.14 -1.66 3.04
C ASN A 179 -1.20 -2.46 1.71
N CYS A 180 -0.76 -3.71 1.73
CA CYS A 180 -0.86 -4.63 0.60
C CYS A 180 -1.82 -5.69 1.07
N MET A 181 -2.70 -6.10 0.18
CA MET A 181 -3.72 -7.06 0.50
C MET A 181 -3.54 -8.38 -0.25
N LEU A 182 -3.98 -9.47 0.37
CA LEU A 182 -3.91 -10.77 -0.28
C LEU A 182 -5.23 -11.12 -0.89
N ARG A 183 -5.26 -11.30 -2.22
CA ARG A 183 -6.47 -11.73 -2.89
C ARG A 183 -6.74 -13.21 -2.56
N ASP A 184 -7.98 -13.66 -2.80
CA ASP A 184 -8.38 -15.06 -2.54
C ASP A 184 -7.47 -16.07 -3.24
N ASP A 185 -6.90 -15.71 -4.40
CA ASP A 185 -5.99 -16.59 -5.14
C ASP A 185 -4.51 -16.44 -4.75
N MET A 186 -4.23 -15.83 -3.59
CA MET A 186 -2.88 -15.62 -3.04
C MET A 186 -1.99 -14.68 -3.84
N THR A 187 -2.56 -13.84 -4.69
CA THR A 187 -1.78 -12.79 -5.36
C THR A 187 -1.92 -11.53 -4.51
N VAL A 188 -0.90 -10.70 -4.50
CA VAL A 188 -0.90 -9.49 -3.71
C VAL A 188 -1.33 -8.27 -4.52
N CYS A 189 -2.13 -7.39 -3.93
CA CYS A 189 -2.47 -6.12 -4.54
C CYS A 189 -2.10 -4.96 -3.63
N VAL A 190 -1.54 -3.90 -4.19
CA VAL A 190 -1.25 -2.67 -3.49
C VAL A 190 -2.62 -2.01 -3.19
N ALA A 191 -2.80 -1.48 -1.99
CA ALA A 191 -4.08 -0.92 -1.56
C ALA A 191 -3.87 0.32 -0.60
N ASP A 192 -4.93 0.84 0.07
CA ASP A 192 -4.83 1.97 1.00
C ASP A 192 -4.25 3.24 0.36
N PHE A 193 -4.92 3.71 -0.71
CA PHE A 193 -4.52 4.91 -1.47
C PHE A 193 -5.12 6.20 -0.91
N GLY A 194 -5.65 6.17 0.31
CA GLY A 194 -6.30 7.28 0.96
C GLY A 194 -5.44 8.52 1.07
N LEU A 195 -4.13 8.36 1.17
CA LEU A 195 -3.21 9.49 1.28
C LEU A 195 -2.29 9.64 0.06
N SER A 196 -2.66 9.03 -1.05
CA SER A 196 -1.90 9.10 -2.27
C SER A 196 -2.07 10.48 -2.94
N LYS A 197 -1.21 10.76 -3.91
CA LYS A 197 -1.23 12.04 -4.60
C LYS A 197 -0.89 11.88 -6.06
N LYS A 198 -1.75 12.38 -6.96
CA LYS A 198 -1.38 12.41 -8.37
C LYS A 198 -0.38 13.59 -8.49
N ILE A 199 0.73 13.41 -9.20
CA ILE A 199 1.76 14.43 -9.37
C ILE A 199 1.15 15.73 -9.95
N TYR A 200 1.49 16.88 -9.32
CA TYR A 200 1.01 18.22 -9.66
C TYR A 200 -0.37 18.57 -9.07
N SER A 201 -1.16 17.57 -8.62
CA SER A 201 -2.50 17.86 -8.05
C SER A 201 -2.45 18.54 -6.66
N GLY A 202 -3.56 19.14 -6.25
CA GLY A 202 -3.67 19.81 -4.95
C GLY A 202 -3.50 18.82 -3.81
N ASP A 203 -2.94 19.27 -2.68
CA ASP A 203 -2.63 18.37 -1.57
C ASP A 203 -2.74 19.03 -0.18
N TYR A 204 -3.15 20.29 -0.11
CA TYR A 204 -3.23 21.01 1.15
C TYR A 204 -3.95 20.26 2.28
N TYR A 205 -5.12 19.69 1.98
CA TYR A 205 -5.95 19.04 2.98
C TYR A 205 -5.45 17.62 3.39
N ARG A 206 -4.35 17.11 2.81
CA ARG A 206 -3.76 15.84 3.25
C ARG A 206 -2.50 16.05 4.12
N GLN A 207 -1.94 17.27 4.11
CA GLN A 207 -0.73 17.65 4.83
C GLN A 207 -0.73 17.26 6.30
N GLY A 208 -1.83 17.48 7.00
CA GLY A 208 -1.93 17.12 8.41
C GLY A 208 -1.78 15.63 8.66
N ARG A 209 -2.35 14.80 7.78
CA ARG A 209 -2.23 13.34 7.89
C ARG A 209 -0.86 12.85 7.41
N ILE A 210 -0.29 13.46 6.37
CA ILE A 210 1.02 13.10 5.85
C ILE A 210 2.09 13.31 6.92
N ALA A 211 1.97 14.38 7.73
CA ALA A 211 2.91 14.67 8.82
C ALA A 211 2.94 13.58 9.91
N LYS A 212 1.91 12.74 9.98
CA LYS A 212 1.80 11.66 10.98
C LYS A 212 2.19 10.26 10.44
N MET A 213 2.69 10.18 9.20
CA MET A 213 3.06 8.89 8.61
C MET A 213 4.18 8.21 9.37
N PRO A 214 4.13 6.86 9.49
CA PRO A 214 5.22 6.14 10.18
C PRO A 214 6.57 6.38 9.51
N VAL A 215 7.46 6.95 10.29
CA VAL A 215 8.79 7.41 9.97
C VAL A 215 9.74 6.31 9.38
N LYS A 216 9.58 5.02 9.78
CA LYS A 216 10.48 3.97 9.31
C LYS A 216 10.26 3.54 7.86
N TRP A 217 9.26 4.08 7.15
CA TRP A 217 9.09 3.79 5.73
C TRP A 217 9.42 5.02 4.84
N ILE A 218 9.84 6.15 5.45
CA ILE A 218 10.04 7.38 4.71
C ILE A 218 11.49 7.59 4.24
N ALA A 219 11.66 7.92 2.96
CA ALA A 219 12.99 8.17 2.36
C ALA A 219 13.71 9.26 3.11
N ILE A 220 15.05 9.15 3.22
CA ILE A 220 15.88 10.11 3.97
C ILE A 220 15.58 11.60 3.61
N GLU A 221 15.46 11.94 2.31
CA GLU A 221 15.16 13.30 1.85
C GLU A 221 13.70 13.72 2.12
N SER A 222 12.79 12.75 2.21
CA SER A 222 11.39 13.05 2.50
C SER A 222 11.13 13.24 4.00
N LEU A 223 12.10 12.94 4.89
CA LEU A 223 11.90 13.08 6.34
C LEU A 223 11.90 14.52 6.82
N ALA A 224 12.75 15.37 6.24
CA ALA A 224 12.84 16.78 6.66
C ALA A 224 11.55 17.59 6.53
N ASP A 225 10.86 17.53 5.38
CA ASP A 225 9.64 18.33 5.18
C ASP A 225 8.43 17.53 4.69
N ARG A 226 8.53 16.19 4.64
CA ARG A 226 7.44 15.32 4.16
C ARG A 226 7.01 15.63 2.72
N VAL A 227 8.00 15.73 1.82
CA VAL A 227 7.79 16.02 0.40
C VAL A 227 8.16 14.75 -0.34
N TYR A 228 7.23 14.20 -1.10
CA TYR A 228 7.44 12.93 -1.75
C TYR A 228 7.58 13.04 -3.26
N THR A 229 8.35 12.11 -3.86
CA THR A 229 8.50 11.93 -5.30
C THR A 229 8.29 10.42 -5.59
N SER A 230 8.42 9.99 -6.86
CA SER A 230 8.31 8.56 -7.18
C SER A 230 9.42 7.75 -6.48
N LYS A 231 10.59 8.37 -6.26
CA LYS A 231 11.74 7.80 -5.57
C LYS A 231 11.52 7.59 -4.06
N SER A 232 10.56 8.32 -3.48
CA SER A 232 10.14 8.16 -2.09
C SER A 232 9.40 6.81 -2.01
N ASP A 233 8.55 6.50 -3.01
CA ASP A 233 7.85 5.24 -3.08
C ASP A 233 8.82 4.09 -3.32
N VAL A 234 9.90 4.32 -4.09
CA VAL A 234 10.92 3.30 -4.34
C VAL A 234 11.60 2.95 -3.03
N TRP A 235 11.93 3.98 -2.20
CA TRP A 235 12.52 3.73 -0.89
C TRP A 235 11.58 2.85 -0.03
N ALA A 236 10.29 3.22 0.04
CA ALA A 236 9.28 2.46 0.82
C ALA A 236 9.12 1.06 0.28
N PHE A 237 9.26 0.86 -1.05
CA PHE A 237 9.18 -0.46 -1.65
C PHE A 237 10.36 -1.35 -1.17
N GLY A 238 11.53 -0.76 -1.01
CA GLY A 238 12.68 -1.50 -0.49
C GLY A 238 12.43 -1.92 0.96
N VAL A 239 11.81 -1.03 1.76
CA VAL A 239 11.49 -1.34 3.15
C VAL A 239 10.47 -2.49 3.19
N THR A 240 9.44 -2.43 2.31
CA THR A 240 8.39 -3.43 2.19
C THR A 240 8.98 -4.78 1.80
N MET A 241 9.98 -4.79 0.90
CA MET A 241 10.67 -6.03 0.51
C MET A 241 11.35 -6.66 1.72
N TRP A 242 12.00 -5.83 2.54
CA TRP A 242 12.71 -6.25 3.74
C TRP A 242 11.69 -6.83 4.74
N GLU A 243 10.50 -6.22 4.87
CA GLU A 243 9.41 -6.71 5.73
C GLU A 243 8.98 -8.11 5.27
N ILE A 244 8.87 -8.30 3.93
CA ILE A 244 8.47 -9.60 3.40
C ILE A 244 9.59 -10.65 3.69
N ALA A 245 10.85 -10.30 3.42
CA ALA A 245 12.00 -11.18 3.62
C ALA A 245 12.21 -11.56 5.11
N THR A 246 11.88 -10.67 6.04
CA THR A 246 11.97 -10.98 7.47
C THR A 246 10.69 -11.60 8.03
N ARG A 247 9.67 -11.79 7.21
CA ARG A 247 8.40 -12.33 7.61
C ARG A 247 7.70 -11.47 8.67
N GLY A 248 7.70 -10.15 8.46
CA GLY A 248 6.91 -9.23 9.26
C GLY A 248 7.59 -8.49 10.39
N MET A 249 8.93 -8.55 10.45
CA MET A 249 9.66 -7.80 11.46
C MET A 249 9.48 -6.32 11.24
N THR A 250 9.48 -5.58 12.33
CA THR A 250 9.44 -4.13 12.29
C THR A 250 10.80 -3.66 11.80
N PRO A 251 10.81 -2.73 10.81
CA PRO A 251 12.10 -2.25 10.31
C PRO A 251 13.00 -1.67 11.40
N TYR A 252 14.32 -1.85 11.23
CA TYR A 252 15.33 -1.29 12.12
C TYR A 252 15.20 -1.71 13.59
N PRO A 253 15.33 -3.02 13.90
CA PRO A 253 15.34 -3.41 15.33
C PRO A 253 16.46 -2.65 16.07
N GLY A 254 16.17 -2.24 17.28
CA GLY A 254 17.14 -1.50 18.10
C GLY A 254 17.18 -0.01 17.85
N VAL A 255 16.47 0.48 16.82
CA VAL A 255 16.48 1.91 16.49
C VAL A 255 15.08 2.48 16.75
N GLN A 256 14.98 3.55 17.54
CA GLN A 256 13.69 4.15 17.85
C GLN A 256 13.31 5.18 16.81
N ASN A 257 12.00 5.39 16.60
CA ASN A 257 11.49 6.35 15.61
C ASN A 257 12.14 7.71 15.67
N HIS A 258 12.35 8.28 16.88
CA HIS A 258 12.97 9.61 17.00
C HIS A 258 14.43 9.65 16.54
N GLU A 259 15.12 8.49 16.53
CA GLU A 259 16.51 8.43 16.06
C GLU A 259 16.66 8.15 14.58
N MET A 260 15.56 7.88 13.85
CA MET A 260 15.62 7.46 12.46
C MET A 260 16.32 8.40 11.48
N TYR A 261 16.04 9.71 11.50
CA TYR A 261 16.67 10.62 10.54
C TYR A 261 18.19 10.65 10.70
N ASP A 262 18.66 10.80 11.94
CA ASP A 262 20.10 10.85 12.24
C ASP A 262 20.77 9.52 11.87
N TYR A 263 20.09 8.40 12.11
CA TYR A 263 20.55 7.07 11.76
C TYR A 263 20.82 6.96 10.26
N LEU A 264 19.87 7.40 9.41
CA LEU A 264 19.99 7.35 7.95
C LEU A 264 21.04 8.34 7.45
N LEU A 265 21.11 9.52 8.09
CA LEU A 265 22.08 10.58 7.80
C LEU A 265 23.52 10.05 7.98
N HIS A 266 23.72 9.16 8.98
CA HIS A 266 25.03 8.52 9.19
C HIS A 266 25.31 7.37 8.20
N GLY A 267 24.42 7.16 7.23
CA GLY A 267 24.57 6.15 6.18
C GLY A 267 24.13 4.75 6.55
N HIS A 268 23.52 4.57 7.71
CA HIS A 268 23.05 3.24 8.13
C HIS A 268 21.76 2.86 7.41
N ARG A 269 21.64 1.59 7.04
CA ARG A 269 20.48 1.08 6.34
C ARG A 269 20.00 -0.24 6.95
N LEU A 270 18.80 -0.72 6.51
CA LEU A 270 18.25 -2.00 6.96
C LEU A 270 19.25 -3.11 6.67
N LYS A 271 19.46 -3.98 7.64
CA LYS A 271 20.46 -5.05 7.51
C LYS A 271 19.91 -6.23 6.77
N GLN A 272 20.78 -7.01 6.16
CA GLN A 272 20.34 -8.19 5.41
C GLN A 272 19.66 -9.22 6.30
N PRO A 273 18.43 -9.63 5.92
CA PRO A 273 17.73 -10.66 6.70
C PRO A 273 18.41 -12.01 6.59
N GLU A 274 18.25 -12.85 7.61
CA GLU A 274 18.84 -14.19 7.59
C GLU A 274 18.26 -15.00 6.42
N ASP A 275 19.12 -15.71 5.64
CA ASP A 275 18.76 -16.48 4.45
C ASP A 275 18.23 -15.65 3.27
N CYS A 276 18.40 -14.31 3.32
CA CYS A 276 18.01 -13.46 2.20
C CYS A 276 19.12 -13.59 1.19
N LEU A 277 18.79 -14.00 -0.07
CA LEU A 277 19.78 -14.11 -1.15
C LEU A 277 20.54 -12.81 -1.29
N ASP A 278 21.88 -12.88 -1.44
CA ASP A 278 22.69 -11.67 -1.59
C ASP A 278 22.18 -10.76 -2.73
N GLU A 279 21.78 -11.36 -3.85
CA GLU A 279 21.26 -10.65 -5.01
C GLU A 279 19.98 -9.88 -4.62
N LEU A 280 19.11 -10.51 -3.83
CA LEU A 280 17.88 -9.89 -3.37
C LEU A 280 18.19 -8.71 -2.44
N TYR A 281 19.16 -8.88 -1.55
CA TYR A 281 19.54 -7.81 -0.64
C TYR A 281 20.07 -6.59 -1.41
N GLU A 282 20.82 -6.82 -2.50
CA GLU A 282 21.35 -5.74 -3.31
C GLU A 282 20.23 -4.97 -4.03
N ILE A 283 19.18 -5.66 -4.49
CA ILE A 283 18.00 -5.01 -5.06
C ILE A 283 17.34 -4.07 -4.02
N MET A 284 17.16 -4.55 -2.77
CA MET A 284 16.61 -3.78 -1.64
C MET A 284 17.50 -2.56 -1.36
N TYR A 285 18.82 -2.76 -1.28
CA TYR A 285 19.76 -1.70 -0.95
C TYR A 285 19.75 -0.58 -2.01
N SER A 286 19.53 -0.92 -3.27
CA SER A 286 19.48 0.07 -4.37
C SER A 286 18.30 1.05 -4.19
N CYS A 287 17.24 0.61 -3.47
CA CYS A 287 16.09 1.46 -3.16
C CYS A 287 16.46 2.51 -2.10
N TRP A 288 17.55 2.34 -1.34
CA TRP A 288 17.90 3.28 -0.28
C TRP A 288 19.13 4.12 -0.54
N ARG A 289 19.54 4.31 -1.81
CA ARG A 289 20.66 5.21 -2.13
C ARG A 289 20.30 6.64 -1.70
N THR A 290 21.23 7.37 -1.04
CA THR A 290 21.01 8.74 -0.51
C THR A 290 20.40 9.68 -1.53
N ASP A 291 20.94 9.69 -2.75
CA ASP A 291 20.42 10.53 -3.81
C ASP A 291 19.29 9.79 -4.44
N PRO A 292 18.08 10.39 -4.46
CA PRO A 292 16.93 9.71 -5.07
C PRO A 292 17.10 9.39 -6.56
N LEU A 293 17.89 10.21 -7.30
CA LEU A 293 18.12 9.96 -8.73
C LEU A 293 18.92 8.67 -8.98
N ASP A 294 19.72 8.22 -7.98
CA ASP A 294 20.50 6.98 -8.04
C ASP A 294 19.65 5.73 -7.81
N ARG A 295 18.42 5.86 -7.26
CA ARG A 295 17.57 4.69 -7.05
C ARG A 295 16.96 4.28 -8.39
N PRO A 296 16.70 2.98 -8.62
CA PRO A 296 16.06 2.57 -9.89
C PRO A 296 14.57 2.89 -9.93
N THR A 297 13.98 2.75 -11.12
CA THR A 297 12.55 2.94 -11.29
C THR A 297 11.83 1.63 -10.90
N PHE A 298 10.50 1.64 -10.85
CA PHE A 298 9.70 0.44 -10.57
C PHE A 298 9.78 -0.55 -11.72
N SER A 299 9.96 -0.07 -12.98
CA SER A 299 10.08 -0.94 -14.14
C SER A 299 11.35 -1.75 -14.05
N VAL A 300 12.48 -1.10 -13.68
CA VAL A 300 13.77 -1.77 -13.51
C VAL A 300 13.71 -2.79 -12.34
N LEU A 301 13.21 -2.36 -11.15
CA LEU A 301 13.04 -3.23 -9.98
C LEU A 301 12.21 -4.46 -10.32
N ARG A 302 11.10 -4.25 -11.00
CA ARG A 302 10.18 -5.31 -11.38
C ARG A 302 10.86 -6.34 -12.27
N LEU A 303 11.65 -5.88 -13.24
CA LEU A 303 12.31 -6.79 -14.17
C LEU A 303 13.40 -7.57 -13.42
N GLN A 304 14.18 -6.85 -12.59
CA GLN A 304 15.21 -7.44 -11.75
C GLN A 304 14.66 -8.56 -10.86
N LEU A 305 13.46 -8.37 -10.27
CA LEU A 305 12.84 -9.36 -9.39
C LEU A 305 12.23 -10.53 -10.18
N GLU A 306 11.73 -10.27 -11.40
CA GLU A 306 11.17 -11.33 -12.23
C GLU A 306 12.29 -12.25 -12.73
N LYS A 307 13.46 -11.66 -13.07
CA LYS A 307 14.63 -12.40 -13.53
C LYS A 307 15.23 -13.22 -12.39
N LEU A 308 15.29 -12.64 -11.17
CA LEU A 308 15.81 -13.33 -10.00
C LEU A 308 14.96 -14.54 -9.69
N LEU A 309 13.63 -14.38 -9.72
CA LEU A 309 12.68 -15.45 -9.46
C LEU A 309 12.79 -16.56 -10.51
N GLU A 310 12.94 -16.19 -11.79
CA GLU A 310 13.06 -17.15 -12.88
C GLU A 310 14.34 -18.00 -12.77
N SER A 311 15.43 -17.40 -12.28
CA SER A 311 16.72 -18.06 -12.09
C SER A 311 16.77 -19.10 -10.96
N LEU A 312 15.70 -19.23 -10.17
CA LEU A 312 15.69 -20.14 -9.03
C LEU A 312 15.09 -21.51 -9.31
N PRO A 313 15.70 -22.57 -8.75
CA PRO A 313 15.16 -23.92 -8.93
C PRO A 313 13.96 -24.19 -8.04
N1 A1APH B . -8.71 -5.05 5.58
N3 A1APH B . -9.87 -6.96 4.88
C4 A1APH B . -8.39 -3.21 4.05
C5 A1APH B . -7.76 -1.88 3.70
C6 A1APH B . -9.70 -7.69 6.07
C7 A1APH B . -10.57 -5.60 2.30
C8 A1APH B . -9.30 -7.32 7.32
C10 A1APH B . -8.93 -8.54 9.48
C13 A1APH B . -8.38 3.47 -1.93
C15 A1APH B . -9.37 3.53 0.28
C17 A1APH B . -8.10 1.60 -0.46
C20 A1APH B . -9.27 6.10 -2.32
C21 A1APH B . -10.18 7.31 -2.49
C22 A1APH B . -9.62 8.62 -1.94
C24 A1APH B . -8.20 8.87 -2.42
C1 A1APH B . -9.70 -5.00 3.39
C11 A1APH B . -8.70 -0.67 3.49
C12 A1APH B . -7.36 -1.76 2.18
C14 A1APH B . -9.12 4.12 -0.96
C16 A1APH B . -8.84 2.28 0.49
C18 A1APH B . -7.86 2.19 -1.69
C19 A1APH B . -8.30 0.34 1.22
C2 A1APH B . -9.45 -5.65 4.64
C23 A1APH B . -10.52 9.78 -2.30
C3 A1APH B . -8.19 -3.85 5.28
C9 A1APH B . -9.90 -9.07 6.15
N2 A1APH B . -9.16 -3.81 3.12
N4 A1APH B . -10.52 -5.00 1.12
N5 A1APH B . -9.28 -8.43 8.07
N6 A1APH B . -9.64 -9.54 7.37
N7 A1APH B . -8.37 -0.70 2.05
N8 A1APH B . -7.77 0.35 0.04
O1 A1APH B . -11.27 -6.61 2.53
O2 A1APH B . -8.96 1.47 1.60
O3 A1APH B . -9.60 5.41 -1.11
O4 A1APH B . -9.62 8.49 -0.52
CL CL C . 17.92 -3.51 10.37
CL CL D . -6.62 4.42 2.63
CL CL E . 4.32 15.18 -1.43
CL CL F . -2.38 22.51 -2.74
#